data_2B6N
#
_entry.id   2B6N
#
_cell.length_a   86.430
_cell.length_b   42.560
_cell.length_c   74.260
_cell.angle_alpha   90.00
_cell.angle_beta   110.19
_cell.angle_gamma   90.00
#
_symmetry.space_group_name_H-M   'C 1 2 1'
#
loop_
_entity.id
_entity.type
_entity.pdbx_description
1 polymer 'proteinase K'
2 polymer TRIPEPTIDE
3 non-polymer 'CALCIUM ION'
4 non-polymer 'SULFATE ION'
5 water water
#
loop_
_entity_poly.entity_id
_entity_poly.type
_entity_poly.pdbx_seq_one_letter_code
_entity_poly.pdbx_strand_id
1 'polypeptide(L)'
;ADQPSPTWGIDRIDQRNLPLDNNYHTDYDGSGVTAFVIDTGVLNTHNEFGGRASSGYDFIDNDYDATDCNGHGTHVAGTI
GGSTYGVAKNVNVVGVRVLNCSGSGSNSGVIAGINWVKNNASGPAVANMSLGGGASQATDDAVNAAVAAGITFVVAAGND
NSNACNYSPARAADAITVGSTTSNDSRSSFSNYGTCLDIYAPGSSITSSWYTSNSATNTISGTSMASPHVAGVAALYLDE
NPNLSPAQVTNLLKTRATADKVTDAKTGSPNKLLFSLA
;
A
2 'polypeptide(L)' APT B
#
loop_
_chem_comp.id
_chem_comp.type
_chem_comp.name
_chem_comp.formula
CA non-polymer 'CALCIUM ION' 'Ca 2'
SO4 non-polymer 'SULFATE ION' 'O4 S -2'
#
# COMPACT_ATOMS: atom_id res chain seq x y z
N ALA A 1 18.48 -9.64 -7.28
CA ALA A 1 17.87 -11.00 -7.16
C ALA A 1 16.77 -11.15 -8.20
N ASP A 2 16.39 -12.39 -8.49
CA ASP A 2 15.27 -12.68 -9.38
C ASP A 2 14.41 -13.74 -8.75
N GLN A 3 13.13 -13.43 -8.58
CA GLN A 3 12.19 -14.36 -8.01
C GLN A 3 11.39 -15.00 -9.15
N PRO A 4 11.54 -16.32 -9.35
CA PRO A 4 10.77 -16.97 -10.42
C PRO A 4 9.35 -17.29 -9.93
N SER A 5 8.42 -17.40 -10.87
CA SER A 5 7.02 -17.70 -10.56
C SER A 5 6.39 -16.83 -9.45
N PRO A 6 6.56 -15.50 -9.55
CA PRO A 6 5.91 -14.63 -8.57
C PRO A 6 4.42 -14.54 -8.84
N THR A 7 3.65 -14.12 -7.84
CA THR A 7 2.25 -13.77 -8.05
C THR A 7 2.20 -12.60 -9.06
N TRP A 8 1.06 -12.43 -9.74
CA TRP A 8 1.00 -11.55 -10.92
C TRP A 8 1.28 -10.08 -10.63
N GLY A 9 0.80 -9.58 -9.48
CA GLY A 9 0.95 -8.16 -9.15
C GLY A 9 2.40 -7.72 -9.18
N ILE A 10 3.22 -8.37 -8.35
CA ILE A 10 4.64 -8.05 -8.29
C ILE A 10 5.35 -8.40 -9.63
N ASP A 11 4.90 -9.47 -10.31
CA ASP A 11 5.41 -9.78 -11.67
C ASP A 11 5.26 -8.57 -12.63
N ARG A 12 4.13 -7.87 -12.51
CA ARG A 12 3.82 -6.75 -13.40
C ARG A 12 4.68 -5.52 -13.21
N ILE A 13 5.05 -5.23 -11.97
N ILE A 13 5.05 -5.22 -11.96
CA ILE A 13 5.63 -3.92 -11.62
CA ILE A 13 5.65 -3.91 -11.61
C ILE A 13 7.09 -3.76 -12.08
C ILE A 13 7.15 -3.77 -11.88
N ASP A 14 7.81 -4.87 -12.27
CA ASP A 14 9.24 -4.80 -12.69
C ASP A 14 9.48 -4.83 -14.22
N GLN A 15 8.43 -4.60 -15.00
CA GLN A 15 8.51 -4.60 -16.47
C GLN A 15 7.59 -3.54 -17.07
N ARG A 16 7.91 -3.07 -18.27
CA ARG A 16 7.11 -2.01 -18.93
C ARG A 16 5.87 -2.56 -19.63
N ASN A 17 6.09 -3.65 -20.37
CA ASN A 17 5.08 -4.21 -21.27
C ASN A 17 4.64 -5.60 -20.85
N LEU A 18 3.38 -5.92 -21.14
CA LEU A 18 2.89 -7.29 -21.13
C LEU A 18 3.46 -8.02 -22.35
N PRO A 19 3.48 -9.36 -22.33
CA PRO A 19 2.95 -10.25 -21.28
C PRO A 19 3.85 -10.38 -20.04
N LEU A 20 3.26 -10.86 -18.95
CA LEU A 20 4.02 -11.13 -17.72
C LEU A 20 5.13 -12.14 -18.04
N ASP A 21 6.34 -11.91 -17.53
CA ASP A 21 7.47 -12.81 -17.76
C ASP A 21 7.77 -13.83 -16.63
N ASN A 22 6.87 -13.93 -15.64
CA ASN A 22 7.03 -14.94 -14.57
C ASN A 22 8.32 -14.73 -13.76
N ASN A 23 8.69 -13.46 -13.60
CA ASN A 23 9.89 -13.07 -12.89
C ASN A 23 9.70 -11.75 -12.15
N TYR A 24 10.15 -11.72 -10.90
CA TYR A 24 10.17 -10.46 -10.13
C TYR A 24 11.62 -10.13 -9.74
N HIS A 25 12.20 -9.17 -10.47
CA HIS A 25 13.58 -8.76 -10.21
C HIS A 25 13.61 -7.70 -9.14
N THR A 26 14.61 -7.78 -8.25
CA THR A 26 14.84 -6.74 -7.25
C THR A 26 16.33 -6.35 -7.25
N ASP A 27 16.59 -5.05 -7.11
CA ASP A 27 17.92 -4.48 -6.86
C ASP A 27 18.04 -3.99 -5.42
N TYR A 28 16.89 -3.80 -4.78
CA TYR A 28 16.81 -3.33 -3.40
C TYR A 28 15.73 -4.15 -2.75
N ASP A 29 15.59 -4.04 -1.43
CA ASP A 29 14.64 -4.85 -0.71
C ASP A 29 13.98 -4.13 0.48
N GLY A 30 14.20 -2.83 0.62
CA GLY A 30 13.56 -2.10 1.72
C GLY A 30 14.33 -2.14 3.04
N SER A 31 15.57 -2.63 3.00
CA SER A 31 16.46 -2.61 4.16
C SER A 31 16.55 -1.20 4.71
N GLY A 32 16.45 -1.10 6.03
CA GLY A 32 16.60 0.16 6.75
C GLY A 32 15.38 1.06 6.68
N VAL A 33 14.29 0.54 6.10
CA VAL A 33 13.02 1.28 5.96
C VAL A 33 11.92 0.60 6.79
N THR A 34 10.99 1.39 7.33
CA THR A 34 9.87 0.84 8.08
C THR A 34 8.56 1.21 7.39
N ALA A 35 7.72 0.20 7.20
CA ALA A 35 6.44 0.38 6.57
C ALA A 35 5.38 0.19 7.64
N PHE A 36 4.61 1.25 7.87
CA PHE A 36 3.52 1.26 8.85
C PHE A 36 2.20 0.88 8.15
N VAL A 37 1.57 -0.20 8.61
CA VAL A 37 0.37 -0.70 7.96
C VAL A 37 -0.82 -0.32 8.82
N ILE A 38 -1.54 0.72 8.38
CA ILE A 38 -2.68 1.24 9.16
C ILE A 38 -3.94 0.53 8.65
N ASP A 39 -4.46 -0.42 9.42
CA ASP A 39 -5.36 -1.40 8.86
C ASP A 39 -6.00 -2.23 9.98
N THR A 40 -6.33 -3.48 9.69
CA THR A 40 -7.00 -4.36 10.65
C THR A 40 -6.03 -5.04 11.62
N GLY A 41 -4.75 -4.69 11.54
CA GLY A 41 -3.70 -5.34 12.31
C GLY A 41 -2.88 -6.23 11.39
N VAL A 42 -1.86 -6.91 11.91
CA VAL A 42 -1.03 -7.80 11.11
C VAL A 42 -0.75 -9.05 11.92
N LEU A 43 -0.88 -10.22 11.29
CA LEU A 43 -0.44 -11.46 11.93
C LEU A 43 1.10 -11.48 11.89
N ASN A 44 1.71 -11.01 12.98
CA ASN A 44 3.17 -10.82 13.04
C ASN A 44 3.95 -12.11 12.83
N THR A 45 3.35 -13.22 13.24
CA THR A 45 4.02 -14.54 13.21
C THR A 45 3.95 -15.20 11.83
N HIS A 46 3.28 -14.55 10.88
CA HIS A 46 3.18 -15.17 9.53
C HIS A 46 4.55 -15.46 8.95
N ASN A 47 4.66 -16.63 8.32
CA ASN A 47 5.95 -17.05 7.72
C ASN A 47 6.49 -16.02 6.73
N GLU A 48 5.59 -15.31 6.05
CA GLU A 48 5.98 -14.24 5.11
C GLU A 48 6.93 -13.19 5.66
N PHE A 49 6.84 -12.91 6.96
CA PHE A 49 7.55 -11.76 7.54
C PHE A 49 8.89 -12.12 8.15
N GLY A 50 9.08 -13.39 8.49
CA GLY A 50 10.36 -13.85 9.02
C GLY A 50 10.86 -13.00 10.18
N GLY A 51 9.97 -12.59 11.08
CA GLY A 51 10.43 -11.78 12.22
C GLY A 51 10.41 -10.27 12.00
N ARG A 52 10.23 -9.82 10.76
CA ARG A 52 10.29 -8.37 10.47
C ARG A 52 9.00 -7.61 10.82
N ALA A 53 7.94 -8.33 11.21
CA ALA A 53 6.69 -7.67 11.57
C ALA A 53 6.52 -7.61 13.08
N SER A 54 6.10 -6.44 13.55
CA SER A 54 5.80 -6.24 14.96
C SER A 54 4.62 -5.30 15.12
N SER A 55 4.08 -5.25 16.34
CA SER A 55 2.94 -4.35 16.62
C SER A 55 3.37 -2.94 16.95
N GLY A 56 2.64 -1.96 16.40
CA GLY A 56 2.84 -0.56 16.74
C GLY A 56 1.87 -0.19 17.86
N TYR A 57 0.59 -0.09 17.51
CA TYR A 57 -0.44 0.18 18.51
C TYR A 57 -1.77 -0.29 17.98
N ASP A 58 -2.65 -0.68 18.91
CA ASP A 58 -3.99 -1.12 18.59
C ASP A 58 -5.00 -0.10 19.12
N PHE A 59 -5.56 0.71 18.22
CA PHE A 59 -6.58 1.70 18.58
C PHE A 59 -8.01 1.14 18.67
N ILE A 60 -8.19 -0.12 18.33
CA ILE A 60 -9.49 -0.78 18.59
C ILE A 60 -9.55 -1.22 20.06
N ASP A 61 -8.54 -1.98 20.48
CA ASP A 61 -8.50 -2.52 21.86
C ASP A 61 -7.82 -1.61 22.88
N ASN A 62 -7.16 -0.56 22.38
CA ASN A 62 -6.36 0.35 23.21
C ASN A 62 -5.21 -0.35 23.96
N ASP A 63 -4.35 -1.03 23.20
CA ASP A 63 -3.15 -1.62 23.76
C ASP A 63 -2.12 -1.85 22.65
N TYR A 64 -0.99 -2.48 22.97
CA TYR A 64 0.11 -2.58 22.01
C TYR A 64 0.11 -3.85 21.15
N ASP A 65 -0.98 -4.63 21.22
CA ASP A 65 -1.04 -5.90 20.49
C ASP A 65 -1.87 -5.72 19.23
N ALA A 66 -1.18 -5.35 18.14
CA ALA A 66 -1.84 -5.08 16.86
C ALA A 66 -1.95 -6.32 15.94
N THR A 67 -2.19 -7.49 16.53
CA THR A 67 -2.49 -8.68 15.72
C THR A 67 -3.81 -8.52 14.93
N ASP A 68 -3.91 -9.27 13.83
CA ASP A 68 -5.02 -9.21 12.89
C ASP A 68 -6.07 -10.28 13.19
N CYS A 69 -7.33 -9.88 13.32
CA CYS A 69 -8.46 -10.83 13.40
C CYS A 69 -9.42 -10.75 12.21
N ASN A 70 -8.99 -10.06 11.14
CA ASN A 70 -9.81 -9.94 9.94
C ASN A 70 -9.15 -10.56 8.70
N GLY A 71 -7.85 -10.34 8.54
CA GLY A 71 -7.11 -10.84 7.37
C GLY A 71 -6.60 -9.72 6.49
N HIS A 72 -7.43 -8.69 6.31
CA HIS A 72 -7.13 -7.57 5.39
C HIS A 72 -5.72 -6.99 5.63
N GLY A 73 -5.39 -6.64 6.88
CA GLY A 73 -4.09 -6.03 7.15
C GLY A 73 -2.91 -6.93 6.91
N THR A 74 -3.08 -8.23 7.20
CA THR A 74 -2.04 -9.21 6.94
C THR A 74 -1.75 -9.35 5.42
N HIS A 75 -2.81 -9.27 4.62
CA HIS A 75 -2.73 -9.41 3.17
C HIS A 75 -2.00 -8.17 2.63
N VAL A 76 -2.43 -7.01 3.10
CA VAL A 76 -1.83 -5.74 2.68
C VAL A 76 -0.36 -5.72 3.06
N ALA A 77 -0.05 -6.12 4.29
CA ALA A 77 1.33 -6.18 4.79
C ALA A 77 2.20 -7.15 3.98
N GLY A 78 1.65 -8.31 3.61
CA GLY A 78 2.43 -9.26 2.80
C GLY A 78 2.75 -8.70 1.42
N THR A 79 1.85 -7.92 0.83
CA THR A 79 2.13 -7.31 -0.46
C THR A 79 3.28 -6.30 -0.36
N ILE A 80 3.35 -5.57 0.75
CA ILE A 80 4.46 -4.63 0.95
C ILE A 80 5.79 -5.39 1.15
N GLY A 81 5.78 -6.38 2.05
CA GLY A 81 7.04 -6.92 2.59
C GLY A 81 7.18 -8.39 2.80
N GLY A 82 6.24 -9.19 2.31
CA GLY A 82 6.34 -10.65 2.41
C GLY A 82 7.50 -11.24 1.60
N SER A 83 8.11 -12.32 2.11
CA SER A 83 9.21 -13.01 1.43
C SER A 83 8.78 -13.44 0.02
N THR A 84 7.60 -14.05 -0.08
CA THR A 84 7.09 -14.58 -1.35
C THR A 84 6.24 -13.58 -2.10
N TYR A 85 5.31 -12.95 -1.38
CA TYR A 85 4.26 -12.11 -2.01
C TYR A 85 4.58 -10.63 -2.04
N GLY A 86 5.73 -10.27 -1.46
CA GLY A 86 6.03 -8.86 -1.24
C GLY A 86 6.98 -8.17 -2.20
N VAL A 87 6.81 -6.85 -2.29
CA VAL A 87 7.65 -5.97 -3.12
C VAL A 87 9.05 -5.76 -2.50
N ALA A 88 9.06 -5.50 -1.20
CA ALA A 88 10.27 -5.08 -0.47
C ALA A 88 10.56 -6.13 0.61
N LYS A 89 11.34 -7.13 0.23
CA LYS A 89 11.43 -8.39 0.95
C LYS A 89 12.24 -8.35 2.25
N ASN A 90 12.84 -7.20 2.56
CA ASN A 90 13.55 -7.05 3.84
C ASN A 90 13.12 -5.81 4.64
N VAL A 91 11.96 -5.25 4.28
CA VAL A 91 11.43 -4.08 4.98
C VAL A 91 10.97 -4.47 6.40
N ASN A 92 11.06 -3.53 7.33
CA ASN A 92 10.40 -3.70 8.63
C ASN A 92 8.92 -3.34 8.51
N VAL A 93 8.06 -4.13 9.16
CA VAL A 93 6.62 -3.98 9.08
C VAL A 93 6.11 -3.69 10.48
N VAL A 94 5.34 -2.62 10.62
CA VAL A 94 4.72 -2.25 11.89
C VAL A 94 3.20 -2.13 11.74
N GLY A 95 2.48 -2.95 12.49
CA GLY A 95 1.02 -2.91 12.47
C GLY A 95 0.45 -1.79 13.33
N VAL A 96 -0.42 -0.99 12.72
CA VAL A 96 -1.16 0.05 13.43
C VAL A 96 -2.63 -0.28 13.21
N ARG A 97 -3.25 -0.88 14.23
CA ARG A 97 -4.62 -1.39 14.07
C ARG A 97 -5.68 -0.32 14.35
N VAL A 98 -6.40 0.06 13.30
CA VAL A 98 -7.45 1.08 13.41
C VAL A 98 -8.80 0.55 12.92
N LEU A 99 -8.79 -0.71 12.46
CA LEU A 99 -10.00 -1.33 11.92
C LEU A 99 -10.25 -2.59 12.70
N ASN A 100 -11.52 -2.86 13.02
CA ASN A 100 -11.89 -3.99 13.87
C ASN A 100 -11.94 -5.37 13.14
N CYS A 101 -12.40 -6.41 13.84
CA CYS A 101 -12.42 -7.77 13.26
C CYS A 101 -13.30 -7.87 12.01
N SER A 102 -14.26 -6.96 11.88
CA SER A 102 -15.18 -6.93 10.74
C SER A 102 -14.69 -5.94 9.67
N GLY A 103 -13.57 -5.26 9.93
CA GLY A 103 -12.93 -4.35 8.97
C GLY A 103 -13.42 -2.92 9.07
N SER A 104 -14.13 -2.59 10.15
CA SER A 104 -14.74 -1.28 10.33
C SER A 104 -14.02 -0.49 11.42
N GLY A 105 -14.15 0.83 11.39
CA GLY A 105 -13.53 1.69 12.40
C GLY A 105 -14.09 3.08 12.36
N SER A 106 -13.75 3.90 13.35
CA SER A 106 -14.25 5.26 13.46
C SER A 106 -13.23 6.24 12.87
N ASN A 107 -13.68 7.41 12.43
CA ASN A 107 -12.76 8.44 11.93
C ASN A 107 -11.71 8.81 12.98
N SER A 108 -12.18 8.94 14.23
CA SER A 108 -11.34 9.25 15.39
C SER A 108 -10.19 8.25 15.52
N GLY A 109 -10.48 6.96 15.40
CA GLY A 109 -9.48 5.91 15.58
C GLY A 109 -8.46 5.90 14.43
N VAL A 110 -8.95 6.14 13.22
CA VAL A 110 -8.06 6.21 12.06
C VAL A 110 -7.09 7.38 12.21
N ILE A 111 -7.62 8.53 12.62
CA ILE A 111 -6.79 9.72 12.90
C ILE A 111 -5.78 9.45 14.03
N ALA A 112 -6.22 8.77 15.09
CA ALA A 112 -5.30 8.34 16.14
C ALA A 112 -4.12 7.53 15.57
N GLY A 113 -4.41 6.60 14.66
CA GLY A 113 -3.36 5.77 14.02
C GLY A 113 -2.39 6.59 13.15
N ILE A 114 -2.95 7.53 12.39
CA ILE A 114 -2.13 8.43 11.55
C ILE A 114 -1.17 9.20 12.46
N ASN A 115 -1.72 9.79 13.52
CA ASN A 115 -0.92 10.59 14.44
C ASN A 115 0.13 9.72 15.09
N TRP A 116 -0.25 8.48 15.44
CA TRP A 116 0.69 7.55 16.07
C TRP A 116 1.92 7.36 15.19
N VAL A 117 1.71 7.10 13.90
CA VAL A 117 2.83 6.96 12.94
C VAL A 117 3.70 8.24 12.92
N LYS A 118 3.05 9.41 12.77
CA LYS A 118 3.74 10.70 12.79
C LYS A 118 4.65 10.84 14.02
N ASN A 119 4.12 10.48 15.18
CA ASN A 119 4.84 10.67 16.43
C ASN A 119 5.89 9.60 16.72
N ASN A 120 5.78 8.44 16.08
CA ASN A 120 6.61 7.29 16.42
C ASN A 120 7.56 6.81 15.34
N ALA A 121 7.33 7.20 14.09
CA ALA A 121 8.24 6.83 13.02
C ALA A 121 9.65 7.36 13.29
N SER A 122 10.66 6.51 13.06
CA SER A 122 12.07 6.90 13.17
C SER A 122 12.82 6.33 11.97
N GLY A 123 13.53 7.18 11.23
CA GLY A 123 14.29 6.71 10.07
C GLY A 123 13.41 6.71 8.84
N PRO A 124 13.94 6.20 7.70
CA PRO A 124 13.11 6.20 6.47
C PRO A 124 11.81 5.40 6.72
N ALA A 125 10.67 6.01 6.42
CA ALA A 125 9.37 5.45 6.78
C ALA A 125 8.34 5.65 5.68
N VAL A 126 7.50 4.64 5.48
CA VAL A 126 6.33 4.76 4.61
C VAL A 126 5.12 4.26 5.42
N ALA A 127 3.96 4.85 5.18
CA ALA A 127 2.73 4.38 5.83
C ALA A 127 1.74 4.03 4.72
N ASN A 128 1.02 2.93 4.90
CA ASN A 128 -0.01 2.52 3.95
C ASN A 128 -1.38 2.59 4.59
N MET A 129 -2.34 3.20 3.88
CA MET A 129 -3.73 3.24 4.32
C MET A 129 -4.65 2.63 3.28
N SER A 130 -4.86 1.32 3.36
CA SER A 130 -5.84 0.61 2.54
C SER A 130 -7.24 0.66 3.19
N LEU A 131 -7.82 1.87 3.20
CA LEU A 131 -9.07 2.14 3.87
C LEU A 131 -9.50 3.53 3.42
N GLY A 132 -10.79 3.82 3.55
CA GLY A 132 -11.31 5.11 3.13
C GLY A 132 -12.75 5.26 3.54
N GLY A 133 -13.26 6.47 3.43
CA GLY A 133 -14.62 6.75 3.83
C GLY A 133 -15.03 8.07 3.20
N GLY A 134 -16.14 8.63 3.67
CA GLY A 134 -16.58 9.94 3.19
C GLY A 134 -15.55 11.03 3.40
N ALA A 135 -15.60 12.08 2.56
CA ALA A 135 -14.67 13.19 2.67
C ALA A 135 -14.63 13.77 4.09
N SER A 136 -13.41 13.98 4.60
CA SER A 136 -13.17 14.44 5.96
C SER A 136 -11.92 15.30 5.99
N GLN A 137 -12.08 16.60 6.20
CA GLN A 137 -10.90 17.49 6.28
C GLN A 137 -10.03 17.12 7.49
N ALA A 138 -10.66 16.66 8.59
CA ALA A 138 -9.92 16.22 9.79
C ALA A 138 -8.97 15.08 9.46
N THR A 139 -9.47 14.10 8.69
CA THR A 139 -8.63 12.99 8.25
C THR A 139 -7.52 13.47 7.31
N ASP A 140 -7.89 14.28 6.33
CA ASP A 140 -6.91 14.86 5.39
C ASP A 140 -5.80 15.65 6.10
N ASP A 141 -6.19 16.45 7.10
CA ASP A 141 -5.21 17.23 7.86
C ASP A 141 -4.21 16.34 8.57
N ALA A 142 -4.71 15.25 9.15
CA ALA A 142 -3.83 14.35 9.88
C ALA A 142 -2.82 13.71 8.93
N VAL A 143 -3.29 13.32 7.74
CA VAL A 143 -2.40 12.74 6.72
C VAL A 143 -1.36 13.76 6.24
N ASN A 144 -1.84 14.94 5.87
CA ASN A 144 -0.97 15.99 5.36
C ASN A 144 0.08 16.40 6.40
N ALA A 145 -0.32 16.46 7.67
CA ALA A 145 0.61 16.76 8.77
C ALA A 145 1.67 15.66 8.95
N ALA A 146 1.26 14.38 8.86
CA ALA A 146 2.23 13.28 9.00
C ALA A 146 3.24 13.28 7.85
N VAL A 147 2.77 13.63 6.66
CA VAL A 147 3.64 13.77 5.48
C VAL A 147 4.60 14.94 5.65
N ALA A 148 4.09 16.08 6.13
CA ALA A 148 4.94 17.24 6.41
C ALA A 148 6.01 16.92 7.47
N ALA A 149 5.73 15.91 8.29
CA ALA A 149 6.65 15.43 9.32
C ALA A 149 7.67 14.40 8.78
N GLY A 150 7.57 14.08 7.49
CA GLY A 150 8.59 13.28 6.82
C GLY A 150 8.26 11.83 6.49
N ILE A 151 6.99 11.45 6.65
CA ILE A 151 6.59 10.06 6.35
C ILE A 151 5.78 10.05 5.07
N THR A 152 6.22 9.26 4.10
CA THR A 152 5.49 9.09 2.86
C THR A 152 4.21 8.30 3.16
N PHE A 153 3.04 8.87 2.83
CA PHE A 153 1.76 8.17 2.95
C PHE A 153 1.21 7.72 1.59
N VAL A 154 0.79 6.46 1.54
CA VAL A 154 0.27 5.85 0.33
C VAL A 154 -1.11 5.28 0.71
N VAL A 155 -2.13 5.60 -0.08
CA VAL A 155 -3.52 5.29 0.26
C VAL A 155 -4.31 4.76 -0.92
N ALA A 156 -5.32 3.94 -0.62
CA ALA A 156 -6.20 3.37 -1.66
C ALA A 156 -7.14 4.45 -2.19
N ALA A 157 -7.37 4.43 -3.50
CA ALA A 157 -8.31 5.39 -4.12
C ALA A 157 -9.76 5.09 -3.74
N GLY A 158 -10.06 3.81 -3.48
CA GLY A 158 -11.42 3.38 -3.14
C GLY A 158 -12.04 2.54 -4.24
N ASN A 159 -13.06 1.75 -3.88
CA ASN A 159 -13.66 0.76 -4.79
C ASN A 159 -15.07 1.14 -5.27
N ASP A 160 -15.30 2.43 -5.51
CA ASP A 160 -16.65 2.97 -5.76
C ASP A 160 -16.96 3.21 -7.24
N ASN A 161 -16.00 2.87 -8.11
CA ASN A 161 -16.11 3.19 -9.54
C ASN A 161 -16.54 4.67 -9.74
N SER A 162 -15.91 5.56 -8.97
CA SER A 162 -16.29 6.97 -8.92
C SER A 162 -15.04 7.83 -8.85
N ASN A 163 -15.24 9.15 -8.91
CA ASN A 163 -14.17 10.11 -8.71
C ASN A 163 -13.62 9.99 -7.28
N ALA A 164 -12.34 9.60 -7.18
CA ALA A 164 -11.68 9.40 -5.88
C ALA A 164 -11.67 10.65 -4.97
N CYS A 165 -11.85 11.83 -5.57
CA CYS A 165 -11.78 13.10 -4.82
C CYS A 165 -12.92 13.24 -3.81
N ASN A 166 -13.91 12.38 -3.92
CA ASN A 166 -15.05 12.42 -3.02
C ASN A 166 -14.82 11.74 -1.67
N TYR A 167 -13.61 11.21 -1.47
CA TYR A 167 -13.34 10.30 -0.32
C TYR A 167 -12.06 10.69 0.39
N SER A 168 -11.98 10.40 1.69
CA SER A 168 -10.77 10.61 2.50
C SER A 168 -10.28 9.27 3.07
N PRO A 169 -8.95 9.07 3.13
CA PRO A 169 -7.91 10.04 2.75
C PRO A 169 -7.53 10.13 1.27
N ALA A 170 -8.27 9.45 0.40
CA ALA A 170 -7.99 9.48 -1.07
C ALA A 170 -7.72 10.89 -1.62
N ARG A 171 -8.52 11.87 -1.20
CA ARG A 171 -8.43 13.22 -1.76
C ARG A 171 -7.33 14.06 -1.12
N ALA A 172 -6.78 13.58 0.00
CA ALA A 172 -5.80 14.37 0.75
C ALA A 172 -4.66 14.77 -0.18
N ALA A 173 -4.36 16.08 -0.21
CA ALA A 173 -3.38 16.63 -1.18
C ALA A 173 -2.04 15.90 -1.21
N ASP A 174 -1.52 15.59 -0.04
CA ASP A 174 -0.17 15.06 0.03
C ASP A 174 -0.10 13.54 0.19
N ALA A 175 -1.25 12.88 0.15
CA ALA A 175 -1.32 11.42 0.04
C ALA A 175 -0.93 11.02 -1.37
N ILE A 176 -0.27 9.87 -1.50
CA ILE A 176 -0.10 9.23 -2.82
C ILE A 176 -1.31 8.31 -2.96
N THR A 177 -2.18 8.62 -3.91
CA THR A 177 -3.48 7.93 -4.04
C THR A 177 -3.43 6.95 -5.21
N VAL A 178 -3.80 5.70 -4.94
CA VAL A 178 -3.48 4.59 -5.85
C VAL A 178 -4.74 3.95 -6.39
N GLY A 179 -4.90 3.99 -7.72
CA GLY A 179 -5.97 3.25 -8.38
C GLY A 179 -5.52 1.81 -8.69
N SER A 180 -6.50 0.97 -9.05
CA SER A 180 -6.29 -0.47 -9.24
C SER A 180 -6.35 -0.89 -10.70
N THR A 181 -5.46 -1.81 -11.12
CA THR A 181 -5.52 -2.41 -12.46
C THR A 181 -5.66 -3.93 -12.43
N THR A 182 -6.02 -4.49 -13.59
CA THR A 182 -6.09 -5.93 -13.79
C THR A 182 -4.84 -6.45 -14.52
N SER A 183 -4.74 -7.77 -14.66
CA SER A 183 -3.58 -8.39 -15.32
C SER A 183 -3.49 -8.13 -16.82
N ASN A 184 -4.52 -7.53 -17.43
CA ASN A 184 -4.39 -7.12 -18.84
C ASN A 184 -4.20 -5.61 -18.99
N ASP A 185 -3.92 -4.94 -17.86
CA ASP A 185 -3.64 -3.49 -17.79
C ASP A 185 -4.89 -2.61 -17.92
N SER A 186 -6.07 -3.20 -17.73
CA SER A 186 -7.32 -2.40 -17.64
C SER A 186 -7.42 -1.78 -16.24
N ARG A 187 -7.98 -0.59 -16.14
CA ARG A 187 -8.51 -0.13 -14.84
C ARG A 187 -9.49 -1.20 -14.32
N SER A 188 -9.30 -1.64 -13.07
CA SER A 188 -10.26 -2.56 -12.46
C SER A 188 -11.64 -1.93 -12.46
N SER A 189 -12.69 -2.73 -12.67
CA SER A 189 -14.05 -2.18 -12.83
C SER A 189 -14.52 -1.34 -11.64
N PHE A 190 -14.02 -1.67 -10.44
CA PHE A 190 -14.42 -1.02 -9.21
C PHE A 190 -13.52 0.19 -8.89
N SER A 191 -12.41 0.37 -9.61
CA SER A 191 -11.42 1.38 -9.17
C SER A 191 -11.95 2.81 -9.29
N ASN A 192 -11.84 3.56 -8.21
CA ASN A 192 -12.02 5.00 -8.31
C ASN A 192 -10.95 5.57 -9.22
N TYR A 193 -11.14 6.80 -9.68
CA TYR A 193 -10.39 7.35 -10.78
C TYR A 193 -10.37 8.89 -10.64
N GLY A 194 -9.63 9.54 -11.53
CA GLY A 194 -9.66 11.00 -11.66
C GLY A 194 -8.42 11.70 -11.11
N THR A 195 -8.53 13.02 -10.97
CA THR A 195 -7.37 13.87 -10.69
C THR A 195 -6.76 13.71 -9.30
N CYS A 196 -7.50 13.14 -8.35
CA CYS A 196 -6.93 12.85 -7.04
C CYS A 196 -6.04 11.61 -7.01
N LEU A 197 -6.08 10.79 -8.07
CA LEU A 197 -5.08 9.71 -8.23
C LEU A 197 -3.68 10.22 -8.54
N ASP A 198 -2.67 9.50 -8.06
CA ASP A 198 -1.28 9.74 -8.42
C ASP A 198 -0.71 8.67 -9.35
N ILE A 199 -1.22 7.45 -9.24
CA ILE A 199 -0.61 6.30 -9.93
C ILE A 199 -1.60 5.12 -9.89
N TYR A 200 -1.41 4.17 -10.79
CA TYR A 200 -2.16 2.93 -10.83
C TYR A 200 -1.21 1.77 -10.47
N ALA A 201 -1.76 0.73 -9.86
CA ALA A 201 -0.98 -0.46 -9.48
C ALA A 201 -1.91 -1.69 -9.53
N PRO A 202 -1.34 -2.91 -9.69
CA PRO A 202 -2.16 -4.13 -9.66
C PRO A 202 -3.03 -4.24 -8.43
N GLY A 203 -4.33 -4.44 -8.65
CA GLY A 203 -5.26 -4.56 -7.53
C GLY A 203 -6.31 -5.63 -7.67
N SER A 204 -6.52 -6.14 -8.87
CA SER A 204 -7.49 -7.24 -9.07
C SER A 204 -6.81 -8.62 -8.88
N SER A 205 -7.42 -9.48 -8.06
CA SER A 205 -6.97 -10.88 -7.82
C SER A 205 -5.49 -10.96 -7.41
N ILE A 206 -5.20 -10.31 -6.29
CA ILE A 206 -3.84 -10.23 -5.75
C ILE A 206 -3.67 -11.27 -4.65
N THR A 207 -2.65 -12.13 -4.77
CA THR A 207 -2.38 -13.13 -3.76
C THR A 207 -1.35 -12.63 -2.75
N SER A 208 -1.62 -12.92 -1.48
CA SER A 208 -0.73 -12.50 -0.39
C SER A 208 -1.04 -13.32 0.87
N SER A 209 -0.40 -12.98 1.98
CA SER A 209 -0.59 -13.66 3.26
C SER A 209 -1.99 -13.40 3.83
N TRP A 210 -2.43 -14.26 4.75
CA TRP A 210 -3.74 -14.15 5.38
C TRP A 210 -3.62 -14.60 6.83
N TYR A 211 -4.57 -14.19 7.67
CA TYR A 211 -4.43 -14.28 9.11
C TYR A 211 -4.76 -15.64 9.74
N THR A 212 -5.33 -16.57 8.96
CA THR A 212 -5.90 -17.80 9.54
C THR A 212 -4.84 -18.83 10.01
N SER A 213 -3.62 -18.74 9.47
CA SER A 213 -2.47 -19.52 9.96
C SER A 213 -1.16 -18.88 9.51
N ASN A 214 -0.02 -19.35 10.03
CA ASN A 214 1.25 -18.75 9.66
C ASN A 214 1.67 -19.02 8.21
N SER A 215 0.93 -19.90 7.54
CA SER A 215 1.21 -20.21 6.13
C SER A 215 0.05 -19.84 5.22
N ALA A 216 -1.02 -19.26 5.77
CA ALA A 216 -2.25 -19.01 5.01
C ALA A 216 -2.10 -17.90 3.95
N THR A 217 -2.79 -18.08 2.84
CA THR A 217 -2.80 -17.07 1.77
C THR A 217 -4.25 -16.74 1.43
N ASN A 218 -4.46 -15.68 0.65
CA ASN A 218 -5.80 -15.32 0.18
C ASN A 218 -5.58 -14.53 -1.09
N THR A 219 -6.56 -14.60 -1.99
CA THR A 219 -6.52 -13.85 -3.24
C THR A 219 -7.77 -12.99 -3.28
N ILE A 220 -7.58 -11.67 -3.30
CA ILE A 220 -8.68 -10.72 -3.13
C ILE A 220 -8.43 -9.52 -4.04
N SER A 221 -9.45 -8.68 -4.22
CA SER A 221 -9.35 -7.57 -5.17
C SER A 221 -9.69 -6.27 -4.46
N GLY A 222 -9.03 -5.19 -4.87
CA GLY A 222 -9.37 -3.88 -4.33
C GLY A 222 -8.27 -2.88 -4.55
N THR A 223 -8.61 -1.59 -4.53
CA THR A 223 -7.56 -0.56 -4.40
C THR A 223 -6.76 -0.75 -3.11
N SER A 224 -7.35 -1.44 -2.13
CA SER A 224 -6.63 -1.83 -0.92
C SER A 224 -5.43 -2.76 -1.19
N MET A 225 -5.53 -3.52 -2.28
CA MET A 225 -4.44 -4.38 -2.75
C MET A 225 -3.44 -3.65 -3.64
N ALA A 226 -3.90 -2.59 -4.29
CA ALA A 226 -3.03 -1.80 -5.21
C ALA A 226 -2.10 -0.94 -4.37
N SER A 227 -2.69 -0.25 -3.36
CA SER A 227 -1.94 0.62 -2.45
C SER A 227 -0.58 0.03 -1.94
N PRO A 228 -0.60 -1.16 -1.30
CA PRO A 228 0.65 -1.73 -0.79
C PRO A 228 1.73 -2.03 -1.86
N HIS A 229 1.34 -2.25 -3.11
CA HIS A 229 2.39 -2.41 -4.14
C HIS A 229 3.19 -1.10 -4.18
N VAL A 230 2.48 0.03 -4.16
CA VAL A 230 3.12 1.36 -4.20
C VAL A 230 3.92 1.66 -2.94
N ALA A 231 3.34 1.34 -1.78
CA ALA A 231 4.07 1.47 -0.51
C ALA A 231 5.36 0.66 -0.51
N GLY A 232 5.30 -0.56 -1.06
CA GLY A 232 6.46 -1.43 -1.17
C GLY A 232 7.55 -0.82 -2.06
N VAL A 233 7.14 -0.21 -3.16
CA VAL A 233 8.11 0.45 -4.07
C VAL A 233 8.71 1.71 -3.42
N ALA A 234 7.88 2.51 -2.75
CA ALA A 234 8.44 3.60 -1.91
C ALA A 234 9.57 3.08 -1.00
N ALA A 235 9.33 1.93 -0.35
CA ALA A 235 10.34 1.32 0.53
C ALA A 235 11.60 0.94 -0.24
N LEU A 236 11.45 0.41 -1.45
CA LEU A 236 12.61 0.16 -2.32
C LEU A 236 13.40 1.42 -2.59
N TYR A 237 12.71 2.50 -2.94
CA TYR A 237 13.37 3.76 -3.28
C TYR A 237 14.08 4.35 -2.06
N LEU A 238 13.51 4.16 -0.86
CA LEU A 238 14.09 4.69 0.38
C LEU A 238 15.27 3.85 0.88
N ASP A 239 15.33 2.58 0.46
CA ASP A 239 16.50 1.72 0.67
C ASP A 239 17.62 2.24 -0.27
N GLU A 240 17.28 2.40 -1.54
CA GLU A 240 18.20 2.98 -2.55
C GLU A 240 18.73 4.37 -2.17
N ASN A 241 17.85 5.25 -1.69
CA ASN A 241 18.24 6.59 -1.30
C ASN A 241 17.46 6.98 -0.03
N PRO A 242 18.05 6.75 1.16
CA PRO A 242 17.36 7.10 2.41
C PRO A 242 17.20 8.61 2.67
N ASN A 243 17.71 9.44 1.77
CA ASN A 243 17.62 10.88 1.93
C ASN A 243 16.43 11.54 1.24
N LEU A 244 15.61 10.74 0.55
CA LEU A 244 14.46 11.29 -0.16
C LEU A 244 13.38 11.75 0.83
N SER A 245 12.87 12.96 0.63
CA SER A 245 11.68 13.42 1.34
C SER A 245 10.46 12.75 0.70
N PRO A 246 9.32 12.77 1.40
CA PRO A 246 8.05 12.31 0.78
C PRO A 246 7.78 12.90 -0.60
N ALA A 247 7.96 14.22 -0.76
CA ALA A 247 7.72 14.86 -2.04
C ALA A 247 8.63 14.29 -3.13
N GLN A 248 9.88 14.00 -2.76
CA GLN A 248 10.88 13.42 -3.69
C GLN A 248 10.54 11.95 -4.02
N VAL A 249 10.07 11.20 -3.01
CA VAL A 249 9.54 9.85 -3.26
C VAL A 249 8.36 9.89 -4.26
N THR A 250 7.42 10.82 -4.04
CA THR A 250 6.27 10.98 -4.93
C THR A 250 6.72 11.26 -6.36
N ASN A 251 7.64 12.21 -6.51
CA ASN A 251 8.17 12.56 -7.83
C ASN A 251 8.88 11.40 -8.53
N LEU A 252 9.66 10.63 -7.76
CA LEU A 252 10.41 9.50 -8.30
C LEU A 252 9.46 8.39 -8.75
N LEU A 253 8.43 8.12 -7.94
CA LEU A 253 7.40 7.17 -8.35
C LEU A 253 6.80 7.57 -9.69
N LYS A 254 6.51 8.86 -9.85
CA LYS A 254 5.87 9.38 -11.04
C LYS A 254 6.81 9.40 -12.24
N THR A 255 8.07 9.76 -12.02
CA THR A 255 9.03 9.83 -13.15
C THR A 255 9.50 8.45 -13.62
N ARG A 256 9.50 7.48 -12.70
CA ARG A 256 9.90 6.10 -13.02
C ARG A 256 8.76 5.23 -13.57
N ALA A 257 7.52 5.70 -13.39
CA ALA A 257 6.32 4.93 -13.73
C ALA A 257 6.21 4.61 -15.21
N THR A 258 5.58 3.50 -15.54
CA THR A 258 5.32 3.14 -16.94
C THR A 258 4.16 3.98 -17.48
N ALA A 259 4.41 4.70 -18.56
CA ALA A 259 3.39 5.58 -19.11
C ALA A 259 2.44 4.87 -20.07
N ASP A 260 1.18 5.31 -20.06
CA ASP A 260 0.26 5.09 -21.18
C ASP A 260 -0.15 3.62 -21.44
N LYS A 261 -0.17 2.82 -20.35
CA LYS A 261 -0.53 1.41 -20.40
C LYS A 261 -1.95 1.12 -19.93
N VAL A 262 -2.50 1.99 -19.08
CA VAL A 262 -3.76 1.66 -18.42
C VAL A 262 -4.91 2.02 -19.35
N THR A 263 -5.71 1.02 -19.68
CA THR A 263 -6.90 1.24 -20.50
C THR A 263 -8.10 1.58 -19.63
N ASP A 264 -9.04 2.34 -20.20
CA ASP A 264 -10.20 2.86 -19.44
C ASP A 264 -9.76 3.58 -18.17
N ALA A 265 -8.65 4.31 -18.22
CA ALA A 265 -8.10 4.95 -17.02
C ALA A 265 -8.96 6.11 -16.49
N LYS A 266 -9.80 6.68 -17.37
CA LYS A 266 -10.75 7.77 -17.08
C LYS A 266 -10.13 9.16 -17.12
N THR A 267 -10.92 10.13 -17.57
CA THR A 267 -10.50 11.53 -17.67
C THR A 267 -9.92 12.03 -16.35
N GLY A 268 -8.78 12.70 -16.41
CA GLY A 268 -8.15 13.28 -15.23
C GLY A 268 -7.22 12.35 -14.49
N SER A 269 -7.35 11.04 -14.72
CA SER A 269 -6.41 10.06 -14.12
C SER A 269 -5.04 10.17 -14.76
N PRO A 270 -3.98 10.12 -13.93
CA PRO A 270 -2.62 10.04 -14.47
C PRO A 270 -2.43 8.68 -15.10
N ASN A 271 -2.01 8.62 -16.37
CA ASN A 271 -1.79 7.31 -16.96
C ASN A 271 -0.38 6.81 -16.66
N LYS A 272 -0.21 6.41 -15.40
CA LYS A 272 1.07 5.99 -14.88
C LYS A 272 0.87 4.67 -14.17
N LEU A 273 1.63 3.67 -14.58
CA LEU A 273 1.56 2.35 -13.95
C LEU A 273 2.83 2.12 -13.14
N LEU A 274 2.65 1.71 -11.89
CA LEU A 274 3.75 1.46 -10.96
C LEU A 274 4.89 0.65 -11.59
N PHE A 275 6.12 1.15 -11.42
CA PHE A 275 7.33 0.47 -11.92
C PHE A 275 8.37 0.47 -10.80
N SER A 276 8.93 -0.69 -10.48
CA SER A 276 9.72 -0.83 -9.25
C SER A 276 11.23 -0.59 -9.39
N LEU A 277 11.72 -0.52 -10.64
CA LEU A 277 13.16 -0.44 -10.89
C LEU A 277 13.63 0.96 -11.21
N ALA A 278 14.94 1.18 -11.01
CA ALA A 278 15.54 2.51 -10.97
C ALA A 278 15.85 3.06 -12.34
N ALA B 1 -16.47 -9.46 -3.92
CA ALA B 1 -16.54 -8.00 -3.60
C ALA B 1 -15.13 -7.43 -3.41
N PRO B 2 -14.87 -6.23 -4.00
CA PRO B 2 -13.60 -5.55 -3.74
C PRO B 2 -13.49 -5.07 -2.29
N THR B 3 -12.27 -5.08 -1.75
CA THR B 3 -12.03 -4.72 -0.35
C THR B 3 -10.86 -3.72 -0.24
CA CA C . 8.03 -9.43 -14.30
S SO4 D . -12.29 -6.55 -12.41
O1 SO4 D . -12.39 -7.72 -13.29
O2 SO4 D . -13.56 -6.30 -11.74
O3 SO4 D . -11.96 -5.38 -13.23
O4 SO4 D . -11.30 -6.86 -11.39
S SO4 E . -13.82 8.80 -19.70
O1 SO4 E . -12.68 8.10 -20.28
O2 SO4 E . -14.96 7.89 -19.58
O3 SO4 E . -14.23 9.90 -20.57
O4 SO4 E . -13.50 9.36 -18.38
#